data_4CGZ
#
_entry.id   4CGZ
#
_cell.length_a   149.530
_cell.length_b   149.530
_cell.length_c   64.060
_cell.angle_alpha   90.00
_cell.angle_beta   90.00
_cell.angle_gamma   90.00
#
_symmetry.space_group_name_H-M   'P 42'
#
loop_
_entity.id
_entity.type
_entity.pdbx_description
1 polymer "BLOOM'S SYNDROME HELICASE"
2 polymer "5'-D(*AP*GP*CP*GP*TP*CP*GP*AP*GP*AP*TP*CP)-3'"
3 polymer "5'-D(*GP*AP*TP*CP*TP*CP*GP*AP*CP*GP*CP*TP*CP*DT *CP*CP*CP)-3'"
4 non-polymer 'ZINC ION'
5 non-polymer "ADENOSINE-5'-DIPHOSPHATE"
#
loop_
_entity_poly.entity_id
_entity_poly.type
_entity_poly.pdbx_seq_one_letter_code
_entity_poly.pdbx_strand_id
1 'polypeptide(L)'
;SMSRNLKHERFQSLSFPHTKEMMKIFHKKFGLHNFRTNQLEAINAALLGEDCFILMPTGGGKSLCYQLPACVSPGVTVVI
SPLRSLIVDQVQKLTSLDIPATYLTGDKTDSEATNIYLQLSKKDPIIKLLYVTPEKICASNRLISTLENLYERKLLARFV
IDEAHCVSQWGHDFRQDYKRMNMLRQKFPSVPVMALTATANPRVQKDILTQLKILRPQVFSMSFNRHNLKYYVLPKKPKK
VAFDCLEWIRKHHPYDSGIIYCLSRRECDTMADTLQRDGLAALAYHAGLSDSARDEVQQKWINQDGCQVICATIAFGMGI
DKPDVRFVIHASLPKSVEGYYQESGRAGRDGEISHCLLFYTYHDVTRLKRLIMMEKDGNHHTRETHFNNLYSMVHYCENI
TECRRIQLLAYFGENGFNPDFCKKHPDVSCDNCCKTKDYKTRDVTDDVKSIVRFVQEHSSSQGMRNIKHVGPSGRFTMNM
LVDIFLGSKSAKIQSGIFGKGSAYSRHNAERLFKKLILDKILDEDLYINANDQAIAYVMLGNKAQTVLNGNLKVDFMETE
NSSSVKKQKALVAKVSQREEMVKKCLGELTEVCKSLGKVFGVHYFNIFNTVTLKKLAESLSSDPEVLLQIDGVTEDKLEK
YGAEVISVLQKYSEWTSPAEDSSPG
;
A
2 'polydeoxyribonucleotide' (DA)(DG)(DC)(DG)(DT)(DC)(DG)(DA)(DG)(DA)(DT)(DC) B
3 'polydeoxyribonucleotide' (DG)(DA)(DT)(DC)(DT)(DC)(DG)(DA)(DC)(DG)(DC)(DT)(DC)(DT)(DC)(DC)(DC) C
#
# COMPACT_ATOMS: atom_id res chain seq x y z
N ARG A 4 -0.81 22.72 7.60
CA ARG A 4 -0.68 21.68 8.61
C ARG A 4 0.63 20.92 8.44
N ASN A 5 1.21 20.98 7.24
CA ASN A 5 2.48 20.31 6.99
C ASN A 5 3.58 21.14 7.58
N LEU A 6 3.92 20.89 8.85
CA LEU A 6 4.69 21.88 9.58
C LEU A 6 6.18 21.77 9.28
N LYS A 7 6.96 22.66 9.90
CA LYS A 7 8.40 22.60 9.88
C LYS A 7 8.94 22.79 11.29
N HIS A 8 9.56 21.76 11.82
CA HIS A 8 10.00 21.66 13.19
C HIS A 8 11.44 22.11 13.26
N GLU A 9 11.57 23.38 12.92
CA GLU A 9 12.84 24.05 12.85
C GLU A 9 13.59 23.87 14.14
N ARG A 10 12.87 23.84 15.26
CA ARG A 10 13.51 23.64 16.56
C ARG A 10 14.28 22.33 16.63
N PHE A 11 13.73 21.29 15.99
CA PHE A 11 14.28 19.93 16.05
C PHE A 11 15.26 19.59 14.91
N GLN A 12 15.60 20.54 14.03
CA GLN A 12 16.48 20.25 12.88
C GLN A 12 17.96 20.45 13.26
N SER A 13 18.23 20.94 14.46
CA SER A 13 19.62 21.28 14.88
C SER A 13 20.39 20.02 15.24
N LEU A 14 21.72 20.09 15.10
CA LEU A 14 22.60 18.99 15.47
C LEU A 14 23.35 19.39 16.72
N SER A 15 22.85 20.42 17.42
CA SER A 15 23.50 20.94 18.62
C SER A 15 23.16 20.17 19.88
N PHE A 16 22.14 19.32 19.80
CA PHE A 16 21.66 18.57 20.96
C PHE A 16 22.73 17.67 21.57
N PRO A 17 22.61 17.37 22.87
CA PRO A 17 23.61 16.54 23.56
C PRO A 17 23.66 15.11 23.05
N HIS A 18 22.50 14.56 22.70
CA HIS A 18 22.38 13.17 22.23
C HIS A 18 22.89 12.99 20.80
N THR A 19 23.07 14.11 20.10
CA THR A 19 23.42 14.12 18.68
C THR A 19 24.71 13.36 18.41
N LYS A 20 25.66 13.44 19.33
CA LYS A 20 26.93 12.73 19.16
C LYS A 20 26.70 11.22 19.06
N GLU A 21 26.03 10.67 20.06
CA GLU A 21 25.80 9.23 20.12
C GLU A 21 24.80 8.78 19.05
N MET A 22 23.78 9.59 18.82
CA MET A 22 22.73 9.26 17.84
C MET A 22 23.28 9.08 16.43
N MET A 23 24.12 10.02 16.01
CA MET A 23 24.75 9.96 14.70
C MET A 23 25.72 8.78 14.65
N LYS A 24 26.25 8.44 15.82
CA LYS A 24 27.18 7.33 15.94
C LYS A 24 26.48 6.02 15.61
N ILE A 25 25.27 5.86 16.13
CA ILE A 25 24.45 4.68 15.90
C ILE A 25 23.83 4.69 14.48
N PHE A 26 23.53 5.89 14.00
CA PHE A 26 22.96 6.12 12.68
C PHE A 26 23.94 5.68 11.58
N HIS A 27 25.23 5.95 11.78
CA HIS A 27 26.23 5.63 10.77
C HIS A 27 26.79 4.22 10.92
N LYS A 28 27.05 3.79 12.15
CA LYS A 28 27.75 2.53 12.38
C LYS A 28 26.85 1.32 12.64
N LYS A 29 25.70 1.53 13.28
CA LYS A 29 24.80 0.43 13.61
C LYS A 29 23.77 0.15 12.52
N PHE A 30 23.12 1.20 12.04
CA PHE A 30 22.10 1.07 11.01
C PHE A 30 22.75 1.08 9.62
N GLY A 31 23.81 1.86 9.48
CA GLY A 31 24.57 1.90 8.25
C GLY A 31 24.06 2.91 7.26
N LEU A 32 23.24 3.84 7.75
CA LEU A 32 22.64 4.85 6.88
C LEU A 32 23.46 6.14 6.85
N HIS A 33 23.20 6.98 5.85
CA HIS A 33 24.01 8.18 5.65
C HIS A 33 23.20 9.48 5.71
N ASN A 34 22.05 9.52 5.06
CA ASN A 34 21.26 10.74 5.04
C ASN A 34 19.80 10.51 5.45
N PHE A 35 19.29 11.40 6.28
CA PHE A 35 17.92 11.34 6.75
C PHE A 35 16.92 11.73 5.66
N ARG A 36 15.77 11.07 5.64
CA ARG A 36 14.72 11.45 4.72
C ARG A 36 13.86 12.51 5.40
N THR A 37 12.81 12.95 4.72
CA THR A 37 11.93 14.02 5.19
C THR A 37 11.31 13.73 6.56
N ASN A 38 11.46 14.68 7.48
CA ASN A 38 10.87 14.58 8.82
C ASN A 38 11.43 13.43 9.65
N GLN A 39 12.56 12.89 9.22
CA GLN A 39 13.20 11.83 9.99
C GLN A 39 14.03 12.40 11.12
N LEU A 40 14.93 13.32 10.79
CA LEU A 40 15.75 13.94 11.81
C LEU A 40 14.90 14.68 12.83
N GLU A 41 13.84 15.35 12.36
CA GLU A 41 12.92 16.10 13.21
C GLU A 41 12.18 15.18 14.17
N ALA A 42 11.70 14.06 13.66
CA ALA A 42 10.92 13.12 14.45
C ALA A 42 11.82 12.41 15.46
N ILE A 43 13.05 12.11 15.05
CA ILE A 43 14.02 11.44 15.92
C ILE A 43 14.45 12.32 17.10
N ASN A 44 14.88 13.55 16.80
CA ASN A 44 15.19 14.54 17.82
C ASN A 44 14.08 14.69 18.85
N ALA A 45 12.87 14.93 18.36
CA ALA A 45 11.71 15.13 19.23
C ALA A 45 11.49 13.96 20.17
N ALA A 46 11.61 12.75 19.64
CA ALA A 46 11.44 11.55 20.43
C ALA A 46 12.47 11.50 21.53
N LEU A 47 13.70 11.90 21.20
CA LEU A 47 14.82 11.91 22.15
C LEU A 47 14.80 13.07 23.16
N LEU A 48 13.79 13.92 23.10
CA LEU A 48 13.64 14.98 24.09
C LEU A 48 12.45 14.70 24.99
N GLY A 49 11.82 13.55 24.80
CA GLY A 49 10.74 13.12 25.68
C GLY A 49 9.39 13.63 25.22
N GLU A 50 9.34 14.09 23.97
CA GLU A 50 8.11 14.64 23.39
C GLU A 50 7.17 13.54 22.93
N ASP A 51 5.88 13.82 22.96
CA ASP A 51 4.89 12.91 22.38
C ASP A 51 4.83 13.13 20.87
N CYS A 52 5.30 12.13 20.11
CA CYS A 52 5.40 12.26 18.67
C CYS A 52 4.25 11.52 17.96
N PHE A 53 3.80 12.07 16.85
CA PHE A 53 2.76 11.49 16.02
C PHE A 53 3.23 11.46 14.56
N ILE A 54 3.64 10.30 14.06
CA ILE A 54 4.24 10.21 12.72
C ILE A 54 3.23 9.89 11.62
N LEU A 55 3.09 10.76 10.63
CA LEU A 55 2.27 10.44 9.47
C LEU A 55 3.12 10.37 8.19
N MET A 56 3.36 9.16 7.71
CA MET A 56 4.13 8.95 6.49
C MET A 56 3.57 7.84 5.62
N PRO A 57 3.65 8.02 4.29
CA PRO A 57 3.18 6.93 3.44
C PRO A 57 4.11 5.72 3.58
N THR A 58 3.68 4.57 3.05
CA THR A 58 4.48 3.35 3.05
C THR A 58 5.86 3.58 2.45
N GLY A 59 6.90 3.12 3.12
CA GLY A 59 8.24 3.26 2.58
C GLY A 59 8.83 4.63 2.88
N GLY A 60 8.07 5.42 3.61
CA GLY A 60 8.47 6.77 4.00
C GLY A 60 9.75 6.74 4.80
N GLY A 61 9.78 5.86 5.80
CA GLY A 61 10.92 5.74 6.68
C GLY A 61 10.46 5.78 8.11
N LYS A 62 9.30 5.19 8.37
CA LYS A 62 8.71 5.19 9.70
C LYS A 62 9.51 4.34 10.70
N SER A 63 10.13 3.28 10.22
CA SER A 63 10.85 2.36 11.11
C SER A 63 11.95 3.07 11.89
N LEU A 64 12.72 3.90 11.21
CA LEU A 64 13.83 4.66 11.80
C LEU A 64 13.43 5.61 12.94
N CYS A 65 12.20 6.12 12.91
CA CYS A 65 11.73 7.13 13.86
C CYS A 65 11.62 6.61 15.30
N TYR A 66 11.65 5.30 15.48
CA TYR A 66 11.59 4.77 16.82
C TYR A 66 12.69 3.75 17.05
N GLN A 67 13.18 3.15 15.98
CA GLN A 67 14.24 2.18 16.11
C GLN A 67 15.55 2.86 16.48
N LEU A 68 15.84 4.01 15.85
CA LEU A 68 17.05 4.74 16.21
C LEU A 68 17.08 5.31 17.64
N PRO A 69 16.00 5.99 18.11
CA PRO A 69 15.96 6.39 19.52
C PRO A 69 16.14 5.27 20.53
N ALA A 70 15.60 4.09 20.26
CA ALA A 70 15.71 2.99 21.23
C ALA A 70 17.17 2.61 21.43
N CYS A 71 17.95 2.66 20.36
CA CYS A 71 19.36 2.29 20.44
C CYS A 71 20.13 3.33 21.24
N VAL A 72 19.62 4.55 21.29
CA VAL A 72 20.30 5.64 21.99
C VAL A 72 19.40 6.11 23.14
N SER A 73 19.06 5.16 24.02
CA SER A 73 18.24 5.45 25.19
C SER A 73 18.48 4.48 26.31
N PRO A 74 18.50 4.99 27.56
CA PRO A 74 18.60 4.12 28.72
C PRO A 74 17.35 3.26 28.83
N GLY A 75 17.53 1.95 28.85
CA GLY A 75 16.40 1.06 29.01
C GLY A 75 15.85 0.53 27.71
N VAL A 76 14.59 0.10 27.75
CA VAL A 76 13.97 -0.56 26.61
C VAL A 76 12.75 0.20 26.09
N THR A 77 12.61 0.24 24.77
CA THR A 77 11.42 0.75 24.10
C THR A 77 10.41 -0.38 23.88
N VAL A 78 9.17 -0.16 24.30
CA VAL A 78 8.09 -1.15 24.14
C VAL A 78 7.23 -0.79 22.94
N VAL A 79 7.28 -1.62 21.91
CA VAL A 79 6.56 -1.35 20.66
C VAL A 79 5.31 -2.21 20.50
N ILE A 80 4.15 -1.58 20.33
CA ILE A 80 2.92 -2.34 20.12
C ILE A 80 2.63 -2.53 18.62
N SER A 81 2.48 -3.80 18.19
CA SER A 81 2.15 -4.09 16.79
C SER A 81 0.90 -4.98 16.68
N PRO A 82 0.17 -4.90 15.55
CA PRO A 82 -1.09 -5.65 15.44
C PRO A 82 -0.97 -7.10 14.99
N LEU A 83 0.19 -7.49 14.46
CA LEU A 83 0.34 -8.84 13.90
C LEU A 83 1.73 -9.38 14.15
N ARG A 84 1.83 -10.68 14.45
CA ARG A 84 3.14 -11.27 14.71
C ARG A 84 3.99 -11.30 13.44
N SER A 85 3.33 -11.32 12.28
CA SER A 85 4.03 -11.30 11.00
C SER A 85 4.87 -10.03 10.85
N LEU A 86 4.26 -8.89 11.15
CA LEU A 86 4.97 -7.61 11.13
C LEU A 86 6.09 -7.58 12.15
N ILE A 87 5.76 -7.99 13.37
CA ILE A 87 6.72 -8.08 14.46
C ILE A 87 7.94 -8.93 14.09
N VAL A 88 7.70 -10.11 13.56
CA VAL A 88 8.78 -11.03 13.24
C VAL A 88 9.71 -10.41 12.21
N ASP A 89 9.14 -9.69 11.25
CA ASP A 89 9.92 -9.11 10.17
C ASP A 89 10.80 -7.98 10.67
N GLN A 90 10.27 -7.18 11.59
CA GLN A 90 11.05 -6.08 12.11
C GLN A 90 12.17 -6.56 13.04
N VAL A 91 11.86 -7.53 13.90
CA VAL A 91 12.86 -8.08 14.81
C VAL A 91 13.99 -8.78 14.04
N GLN A 92 13.63 -9.49 12.98
CA GLN A 92 14.63 -10.12 12.11
C GLN A 92 15.54 -9.10 11.45
N LYS A 93 14.98 -7.96 11.08
CA LYS A 93 15.77 -6.88 10.49
C LYS A 93 16.73 -6.32 11.53
N LEU A 94 16.26 -6.22 12.77
CA LEU A 94 17.02 -5.62 13.85
C LEU A 94 18.14 -6.54 14.35
N THR A 95 17.82 -7.82 14.55
CA THR A 95 18.80 -8.81 15.00
C THR A 95 19.86 -9.04 13.94
N SER A 96 19.52 -8.69 12.71
CA SER A 96 20.46 -8.77 11.58
C SER A 96 21.49 -7.64 11.68
N LEU A 97 21.25 -6.68 12.57
CA LEU A 97 22.18 -5.58 12.77
C LEU A 97 22.80 -5.68 14.15
N ASP A 98 22.62 -6.86 14.77
CA ASP A 98 23.08 -7.11 16.13
C ASP A 98 22.54 -6.04 17.07
N ILE A 99 21.26 -5.72 16.87
CA ILE A 99 20.52 -4.85 17.78
C ILE A 99 19.54 -5.69 18.58
N PRO A 100 19.84 -5.87 19.88
CA PRO A 100 19.05 -6.70 20.79
C PRO A 100 17.56 -6.36 20.78
N ALA A 101 16.75 -7.33 20.41
CA ALA A 101 15.30 -7.17 20.35
C ALA A 101 14.63 -8.52 20.36
N THR A 102 13.37 -8.55 20.80
CA THR A 102 12.58 -9.77 20.77
C THR A 102 11.10 -9.45 20.99
N TYR A 103 10.27 -10.46 21.20
CA TYR A 103 8.83 -10.22 21.22
C TYR A 103 8.05 -11.20 22.09
N LEU A 104 6.92 -10.72 22.59
CA LEU A 104 5.95 -11.57 23.28
C LEU A 104 4.62 -11.50 22.54
N THR A 105 4.44 -12.35 21.53
CA THR A 105 3.20 -12.32 20.76
C THR A 105 2.10 -13.20 21.35
N GLY A 106 2.49 -14.30 21.99
CA GLY A 106 1.51 -15.18 22.59
C GLY A 106 1.67 -16.64 22.21
N ASP A 107 2.20 -16.88 21.01
CA ASP A 107 2.42 -18.26 20.57
C ASP A 107 3.80 -18.75 21.04
N LYS A 108 4.50 -17.92 21.79
CA LYS A 108 5.70 -18.33 22.49
C LYS A 108 5.29 -19.03 23.78
N THR A 109 5.73 -20.26 23.99
CA THR A 109 5.33 -21.01 25.18
C THR A 109 5.78 -20.27 26.42
N ASP A 110 5.11 -20.50 27.54
CA ASP A 110 5.37 -19.76 28.78
C ASP A 110 6.82 -19.89 29.20
N SER A 111 7.42 -21.02 28.86
CA SER A 111 8.82 -21.28 29.17
C SER A 111 9.76 -20.34 28.41
N GLU A 112 9.57 -20.23 27.10
CA GLU A 112 10.34 -19.30 26.26
C GLU A 112 9.98 -17.87 26.68
N ALA A 113 8.70 -17.68 26.93
CA ALA A 113 8.14 -16.38 27.31
C ALA A 113 8.83 -15.91 28.59
N THR A 114 8.98 -16.82 29.55
CA THR A 114 9.62 -16.52 30.83
C THR A 114 11.08 -16.13 30.63
N ASN A 115 11.76 -16.75 29.69
CA ASN A 115 13.16 -16.43 29.42
C ASN A 115 13.32 -14.99 28.99
N ILE A 116 12.29 -14.46 28.34
CA ILE A 116 12.23 -13.06 27.97
C ILE A 116 12.11 -12.18 29.22
N TYR A 117 11.14 -12.52 30.08
CA TYR A 117 10.94 -11.80 31.34
C TYR A 117 12.18 -11.78 32.25
N LEU A 118 13.03 -12.79 32.12
CA LEU A 118 14.29 -12.89 32.86
C LEU A 118 15.33 -11.83 32.49
N GLN A 119 15.53 -11.64 31.19
CA GLN A 119 16.52 -10.68 30.71
C GLN A 119 16.09 -9.26 31.05
N LEU A 120 14.79 -9.04 31.09
CA LEU A 120 14.23 -7.74 31.43
C LEU A 120 14.33 -7.42 32.94
N SER A 121 14.18 -8.45 33.77
CA SER A 121 14.22 -8.30 35.24
C SER A 121 15.59 -7.94 35.81
N LYS A 122 16.67 -8.40 35.18
CA LYS A 122 18.03 -8.14 35.69
C LYS A 122 18.35 -6.67 35.92
N LYS A 123 17.59 -5.79 35.29
CA LYS A 123 17.79 -4.34 35.36
C LYS A 123 19.14 -3.95 34.77
N ASP A 124 19.72 -4.86 34.01
CA ASP A 124 20.90 -4.57 33.22
C ASP A 124 20.66 -4.92 31.75
N PRO A 125 19.41 -4.70 31.25
CA PRO A 125 19.04 -5.35 29.99
C PRO A 125 19.85 -4.85 28.80
N ILE A 126 20.25 -5.75 27.92
CA ILE A 126 21.01 -5.34 26.75
C ILE A 126 20.03 -5.02 25.63
N ILE A 127 18.77 -5.39 25.87
CA ILE A 127 17.72 -5.30 24.86
C ILE A 127 17.02 -3.94 24.77
N LYS A 128 17.09 -3.32 23.60
CA LYS A 128 16.50 -2.02 23.36
C LYS A 128 15.06 -2.08 22.83
N LEU A 129 14.76 -3.05 21.96
CA LEU A 129 13.41 -3.13 21.42
C LEU A 129 12.62 -4.36 21.86
N LEU A 130 11.44 -4.15 22.44
CA LEU A 130 10.55 -5.26 22.76
C LEU A 130 9.20 -5.12 22.08
N TYR A 131 9.01 -5.82 20.96
CA TYR A 131 7.74 -5.77 20.26
C TYR A 131 6.73 -6.60 21.03
N VAL A 132 5.45 -6.27 20.89
CA VAL A 132 4.41 -6.93 21.67
C VAL A 132 3.06 -6.77 20.99
N THR A 133 2.19 -7.76 21.13
CA THR A 133 0.86 -7.67 20.54
C THR A 133 -0.10 -7.09 21.58
N PRO A 134 -1.21 -6.48 21.14
CA PRO A 134 -2.11 -5.76 22.04
C PRO A 134 -2.88 -6.69 22.97
N GLU A 135 -3.36 -7.84 22.49
CA GLU A 135 -4.14 -8.70 23.37
C GLU A 135 -3.23 -9.28 24.45
N LYS A 136 -1.93 -9.34 24.18
CA LYS A 136 -0.98 -9.84 25.16
C LYS A 136 -0.96 -8.91 26.39
N ILE A 137 -0.84 -7.62 26.13
CA ILE A 137 -0.91 -6.61 27.17
C ILE A 137 -2.22 -6.61 27.95
N CYS A 138 -3.33 -6.67 27.22
CA CYS A 138 -4.67 -6.68 27.80
C CYS A 138 -4.97 -7.92 28.66
N ALA A 139 -4.69 -9.10 28.11
CA ALA A 139 -5.01 -10.37 28.78
C ALA A 139 -4.00 -10.76 29.85
N SER A 140 -2.72 -10.72 29.49
CA SER A 140 -1.67 -11.17 30.40
C SER A 140 -1.22 -10.06 31.35
N ASN A 141 -1.53 -10.25 32.63
CA ASN A 141 -1.05 -9.38 33.69
C ASN A 141 0.32 -9.83 34.15
N ARG A 142 0.86 -10.83 33.46
CA ARG A 142 2.19 -11.35 33.72
C ARG A 142 3.21 -10.37 33.14
N LEU A 143 2.91 -9.87 31.93
CA LEU A 143 3.75 -8.89 31.26
C LEU A 143 3.80 -7.59 32.05
N ILE A 144 2.65 -7.19 32.57
CA ILE A 144 2.49 -5.94 33.30
C ILE A 144 3.44 -5.86 34.48
N SER A 145 3.51 -6.94 35.26
CA SER A 145 4.36 -6.97 36.43
C SER A 145 5.84 -6.85 36.10
N THR A 146 6.20 -7.10 34.84
CA THR A 146 7.58 -6.89 34.40
C THR A 146 7.84 -5.42 34.08
N LEU A 147 6.96 -4.85 33.25
CA LEU A 147 7.07 -3.44 32.88
C LEU A 147 7.09 -2.52 34.07
N GLU A 148 6.28 -2.85 35.07
CA GLU A 148 6.20 -2.08 36.30
C GLU A 148 7.58 -1.97 36.97
N ASN A 149 8.39 -3.02 36.85
CA ASN A 149 9.74 -3.01 37.40
C ASN A 149 10.73 -2.14 36.63
N LEU A 150 10.57 -2.12 35.30
CA LEU A 150 11.37 -1.26 34.43
C LEU A 150 11.08 0.22 34.60
N TYR A 151 9.81 0.54 34.85
CA TYR A 151 9.39 1.93 35.05
C TYR A 151 10.09 2.52 36.25
N GLU A 152 10.15 1.73 37.33
CA GLU A 152 10.74 2.13 38.60
C GLU A 152 12.22 2.44 38.51
N ARG A 153 12.95 1.73 37.65
CA ARG A 153 14.38 1.98 37.54
C ARG A 153 14.64 2.96 36.40
N LYS A 154 13.55 3.57 35.91
CA LYS A 154 13.61 4.54 34.82
C LYS A 154 14.26 3.92 33.60
N LEU A 155 13.71 2.80 33.17
CA LEU A 155 14.26 2.06 32.03
C LEU A 155 13.17 1.76 31.01
N LEU A 156 11.99 2.35 31.19
CA LEU A 156 10.95 2.33 30.16
C LEU A 156 11.10 3.55 29.27
N ALA A 157 11.78 3.38 28.14
CA ALA A 157 12.13 4.50 27.28
C ALA A 157 10.89 5.21 26.69
N ARG A 158 10.02 4.44 26.06
CA ARG A 158 8.82 5.00 25.41
C ARG A 158 7.88 3.92 24.89
N PHE A 159 6.62 4.29 24.74
CA PHE A 159 5.60 3.42 24.14
C PHE A 159 5.41 3.75 22.67
N VAL A 160 5.96 2.90 21.79
CA VAL A 160 5.72 3.03 20.36
C VAL A 160 4.45 2.31 19.93
N ILE A 161 3.53 3.02 19.28
CA ILE A 161 2.31 2.40 18.80
C ILE A 161 2.35 2.34 17.28
N ASP A 162 2.76 1.18 16.76
CA ASP A 162 2.85 0.98 15.32
C ASP A 162 1.46 0.71 14.75
N GLU A 163 1.26 1.06 13.47
CA GLU A 163 -0.02 0.83 12.78
C GLU A 163 -1.17 1.46 13.57
N ALA A 164 -0.92 2.65 14.08
CA ALA A 164 -1.81 3.34 15.02
C ALA A 164 -3.23 3.53 14.50
N HIS A 165 -3.43 3.39 13.19
CA HIS A 165 -4.76 3.56 12.61
C HIS A 165 -5.73 2.47 12.99
N CYS A 166 -5.25 1.48 13.74
CA CYS A 166 -6.08 0.34 14.14
C CYS A 166 -6.97 0.69 15.33
N VAL A 167 -6.77 1.86 15.90
CA VAL A 167 -7.55 2.30 17.05
C VAL A 167 -8.87 2.94 16.60
N SER A 168 -8.90 3.39 15.34
CA SER A 168 -10.07 4.10 14.83
C SER A 168 -11.04 3.13 14.19
N GLN A 169 -12.32 3.23 14.55
CA GLN A 169 -13.34 2.43 13.88
C GLN A 169 -13.54 2.94 12.46
N TRP A 170 -13.06 4.15 12.19
CA TRP A 170 -13.16 4.75 10.86
C TRP A 170 -11.98 4.31 9.98
N GLY A 171 -11.06 3.54 10.56
CA GLY A 171 -9.87 3.10 9.85
C GLY A 171 -10.08 1.79 9.11
N HIS A 172 -9.25 1.52 8.11
CA HIS A 172 -9.39 0.33 7.28
C HIS A 172 -9.07 -0.99 7.99
N ASP A 173 -8.60 -0.91 9.23
CA ASP A 173 -8.28 -2.11 9.98
C ASP A 173 -8.45 -1.88 11.48
N PHE A 174 -9.71 -1.88 11.94
CA PHE A 174 -9.99 -1.67 13.36
C PHE A 174 -9.79 -2.92 14.23
N ARG A 175 -9.13 -2.72 15.37
CA ARG A 175 -8.88 -3.79 16.35
C ARG A 175 -9.29 -3.36 17.75
N GLN A 176 -10.08 -4.21 18.41
CA GLN A 176 -10.66 -3.89 19.71
C GLN A 176 -9.60 -3.64 20.77
N ASP A 177 -8.53 -4.42 20.74
CA ASP A 177 -7.51 -4.36 21.79
C ASP A 177 -6.78 -3.00 21.82
N TYR A 178 -6.85 -2.25 20.73
CA TYR A 178 -6.19 -0.95 20.63
C TYR A 178 -6.94 0.10 21.43
N LYS A 179 -8.22 -0.16 21.68
CA LYS A 179 -9.03 0.71 22.53
C LYS A 179 -8.51 0.61 23.96
N ARG A 180 -7.97 -0.56 24.28
CA ARG A 180 -7.49 -0.84 25.63
C ARG A 180 -6.05 -0.39 25.82
N MET A 181 -5.54 0.43 24.90
CA MET A 181 -4.17 0.93 24.98
C MET A 181 -4.05 2.16 25.86
N ASN A 182 -5.18 2.81 26.13
CA ASN A 182 -5.20 4.00 26.97
C ASN A 182 -4.82 3.67 28.40
N MET A 183 -5.02 2.40 28.76
CA MET A 183 -4.65 1.92 30.08
C MET A 183 -3.14 1.85 30.23
N LEU A 184 -2.42 1.87 29.12
CA LEU A 184 -0.97 1.86 29.21
C LEU A 184 -0.43 3.23 29.64
N ARG A 185 -1.10 4.30 29.22
CA ARG A 185 -0.65 5.64 29.59
C ARG A 185 -1.06 6.02 31.01
N GLN A 186 -2.19 5.49 31.44
CA GLN A 186 -2.69 5.75 32.80
C GLN A 186 -1.65 5.33 33.85
N LYS A 187 -1.13 4.11 33.74
CA LYS A 187 -0.16 3.58 34.69
C LYS A 187 1.24 4.17 34.48
N PHE A 188 1.54 4.62 33.28
CA PHE A 188 2.87 5.13 32.97
C PHE A 188 2.81 6.51 32.32
N PRO A 189 2.35 7.53 33.06
CA PRO A 189 2.17 8.87 32.47
C PRO A 189 3.49 9.58 32.09
N SER A 190 4.56 9.31 32.83
CA SER A 190 5.83 9.97 32.56
C SER A 190 6.43 9.53 31.24
N VAL A 191 5.96 8.38 30.75
CA VAL A 191 6.56 7.74 29.57
C VAL A 191 6.07 8.36 28.27
N PRO A 192 7.01 8.75 27.39
CA PRO A 192 6.71 9.29 26.07
C PRO A 192 5.97 8.29 25.18
N VAL A 193 4.92 8.73 24.49
CA VAL A 193 4.16 7.86 23.62
C VAL A 193 4.37 8.27 22.16
N MET A 194 4.46 7.30 21.25
CA MET A 194 4.70 7.59 19.83
C MET A 194 3.76 6.77 18.95
N ALA A 195 3.01 7.46 18.09
CA ALA A 195 2.05 6.81 17.20
C ALA A 195 2.46 6.99 15.74
N LEU A 196 2.40 5.90 14.98
CA LEU A 196 2.71 5.95 13.56
C LEU A 196 1.60 5.36 12.73
N THR A 197 1.41 5.90 11.52
CA THR A 197 0.40 5.39 10.61
C THR A 197 0.70 5.78 9.18
N ALA A 198 0.22 4.98 8.23
CA ALA A 198 0.41 5.27 6.82
C ALA A 198 -0.92 5.66 6.17
N THR A 199 -1.88 6.03 7.00
CA THR A 199 -3.21 6.42 6.54
C THR A 199 -3.23 7.86 6.07
N ALA A 200 -3.72 8.05 4.85
CA ALA A 200 -3.82 9.38 4.29
C ALA A 200 -5.10 10.07 4.72
N ASN A 201 -6.13 9.28 5.04
CA ASN A 201 -7.42 9.81 5.48
C ASN A 201 -7.31 10.71 6.72
N PRO A 202 -7.53 12.02 6.53
CA PRO A 202 -7.37 12.98 7.63
C PRO A 202 -8.38 12.78 8.74
N ARG A 203 -9.60 12.38 8.39
CA ARG A 203 -10.65 12.14 9.38
C ARG A 203 -10.23 11.03 10.33
N VAL A 204 -9.46 10.08 9.80
CA VAL A 204 -8.95 8.98 10.61
C VAL A 204 -7.73 9.48 11.38
N GLN A 205 -6.88 10.27 10.71
CA GLN A 205 -5.68 10.79 11.34
C GLN A 205 -6.04 11.56 12.61
N LYS A 206 -7.10 12.35 12.50
CA LYS A 206 -7.61 13.12 13.63
C LYS A 206 -8.15 12.20 14.71
N ASP A 207 -8.92 11.19 14.29
CA ASP A 207 -9.58 10.29 15.22
C ASP A 207 -8.55 9.50 16.06
N ILE A 208 -7.41 9.19 15.46
CA ILE A 208 -6.36 8.47 16.17
C ILE A 208 -5.99 9.22 17.43
N LEU A 209 -5.83 10.53 17.30
CA LEU A 209 -5.42 11.39 18.40
C LEU A 209 -6.48 11.48 19.47
N THR A 210 -7.73 11.62 19.04
CA THR A 210 -8.87 11.73 19.95
C THR A 210 -9.09 10.44 20.77
N GLN A 211 -8.96 9.29 20.11
CA GLN A 211 -9.18 8.00 20.77
C GLN A 211 -8.07 7.62 21.75
N LEU A 212 -6.82 7.78 21.32
CA LEU A 212 -5.69 7.48 22.20
C LEU A 212 -5.46 8.49 23.33
N LYS A 213 -6.14 9.64 23.27
CA LYS A 213 -6.04 10.64 24.34
C LYS A 213 -4.60 11.07 24.58
N ILE A 214 -3.91 11.38 23.48
CA ILE A 214 -2.59 12.00 23.51
C ILE A 214 -2.66 13.53 23.55
N LEU A 215 -2.13 14.06 24.65
CA LEU A 215 -2.24 15.47 25.01
C LEU A 215 -1.13 16.30 24.35
N ARG A 216 -1.54 17.13 23.39
CA ARG A 216 -0.66 18.02 22.62
C ARG A 216 0.63 17.38 22.10
N PRO A 217 0.53 16.56 21.05
CA PRO A 217 1.74 15.95 20.49
C PRO A 217 2.43 16.76 19.40
N GLN A 218 3.64 16.33 19.05
CA GLN A 218 4.32 16.83 17.86
C GLN A 218 3.80 16.14 16.59
N VAL A 219 3.20 16.87 15.66
CA VAL A 219 2.61 16.25 14.47
C VAL A 219 3.55 16.39 13.27
N PHE A 220 4.15 15.28 12.85
CA PHE A 220 5.08 15.27 11.72
C PHE A 220 4.44 14.77 10.42
N SER A 221 3.94 15.67 9.58
CA SER A 221 3.26 15.23 8.36
C SER A 221 4.19 15.14 7.16
N MET A 222 3.62 14.79 6.02
CA MET A 222 4.40 14.53 4.81
C MET A 222 3.47 14.40 3.63
N SER A 223 4.00 14.49 2.42
CA SER A 223 3.23 14.21 1.21
C SER A 223 3.06 12.72 1.02
N PHE A 224 1.83 12.26 0.91
CA PHE A 224 1.58 10.83 0.81
C PHE A 224 1.71 10.29 -0.61
N ASN A 225 2.22 11.11 -1.53
CA ASN A 225 2.52 10.61 -2.85
C ASN A 225 3.55 9.49 -2.80
N ARG A 226 3.25 8.41 -3.50
CA ARG A 226 4.14 7.26 -3.55
C ARG A 226 5.14 7.43 -4.68
N HIS A 227 6.32 7.94 -4.32
CA HIS A 227 7.34 8.32 -5.29
C HIS A 227 7.78 7.21 -6.26
N ASN A 228 7.62 5.95 -5.86
CA ASN A 228 8.15 4.85 -6.64
C ASN A 228 7.10 3.88 -7.22
N LEU A 229 5.86 4.32 -7.31
CA LEU A 229 4.82 3.46 -7.84
C LEU A 229 4.31 3.97 -9.19
N LYS A 230 4.36 3.09 -10.20
CA LYS A 230 3.80 3.41 -11.50
C LYS A 230 2.34 2.99 -11.57
N TYR A 231 1.47 3.97 -11.71
CA TYR A 231 0.03 3.71 -11.73
C TYR A 231 -0.49 3.49 -13.14
N TYR A 232 -1.04 2.29 -13.38
CA TYR A 232 -1.63 1.94 -14.66
C TYR A 232 -3.10 1.63 -14.50
N VAL A 233 -3.94 2.16 -15.37
CA VAL A 233 -5.29 1.65 -15.53
C VAL A 233 -5.40 1.01 -16.91
N LEU A 234 -5.95 -0.19 -16.96
CA LEU A 234 -5.97 -0.95 -18.20
C LEU A 234 -7.36 -1.48 -18.46
N PRO A 235 -7.75 -1.55 -19.74
CA PRO A 235 -9.07 -2.02 -20.14
C PRO A 235 -9.21 -3.50 -19.82
N LYS A 236 -10.24 -3.84 -19.05
CA LYS A 236 -10.46 -5.20 -18.59
C LYS A 236 -11.33 -6.05 -19.48
N LYS A 237 -10.72 -6.78 -20.39
CA LYS A 237 -11.50 -7.75 -21.13
C LYS A 237 -11.63 -8.92 -20.16
N PRO A 238 -12.83 -9.16 -19.62
CA PRO A 238 -12.99 -10.16 -18.57
C PRO A 238 -12.63 -11.52 -19.14
N LYS A 239 -12.18 -12.49 -18.35
CA LYS A 239 -11.82 -13.83 -18.87
C LYS A 239 -10.50 -13.93 -19.64
N LYS A 240 -9.76 -12.84 -19.76
CA LYS A 240 -8.40 -12.94 -20.29
C LYS A 240 -7.60 -12.03 -19.42
N VAL A 241 -8.08 -11.88 -18.19
CA VAL A 241 -7.36 -11.17 -17.17
C VAL A 241 -6.11 -11.95 -16.83
N ALA A 242 -6.29 -13.25 -16.53
CA ALA A 242 -5.18 -14.12 -16.21
C ALA A 242 -4.13 -14.14 -17.31
N PHE A 243 -4.60 -14.13 -18.56
CA PHE A 243 -3.67 -14.14 -19.68
C PHE A 243 -2.89 -12.83 -19.79
N ASP A 244 -3.56 -11.72 -19.48
CA ASP A 244 -2.91 -10.42 -19.57
C ASP A 244 -1.94 -10.23 -18.42
N CYS A 245 -2.33 -10.78 -17.28
CA CYS A 245 -1.47 -10.78 -16.11
C CYS A 245 -0.25 -11.66 -16.33
N LEU A 246 -0.49 -12.85 -16.87
CA LEU A 246 0.58 -13.79 -17.17
C LEU A 246 1.55 -13.19 -18.18
N GLU A 247 0.97 -12.60 -19.22
CA GLU A 247 1.73 -11.98 -20.29
C GLU A 247 2.53 -10.81 -19.74
N TRP A 248 1.85 -9.95 -18.98
CA TRP A 248 2.46 -8.75 -18.43
C TRP A 248 3.58 -9.13 -17.46
N ILE A 249 3.29 -10.04 -16.54
CA ILE A 249 4.27 -10.46 -15.54
C ILE A 249 5.52 -11.01 -16.23
N ARG A 250 5.32 -11.91 -17.19
CA ARG A 250 6.46 -12.52 -17.88
C ARG A 250 7.23 -11.50 -18.72
N LYS A 251 6.56 -10.43 -19.15
CA LYS A 251 7.26 -9.41 -19.94
C LYS A 251 8.09 -8.49 -19.07
N HIS A 252 7.52 -8.01 -17.96
CA HIS A 252 8.18 -6.98 -17.15
C HIS A 252 8.86 -7.51 -15.89
N HIS A 253 8.25 -8.48 -15.24
CA HIS A 253 8.79 -9.00 -13.97
C HIS A 253 8.65 -10.52 -13.89
N PRO A 254 9.32 -11.26 -14.78
CA PRO A 254 9.23 -12.73 -14.80
C PRO A 254 9.70 -13.42 -13.52
N TYR A 255 10.69 -12.84 -12.85
CA TYR A 255 11.31 -13.48 -11.68
C TYR A 255 11.21 -12.65 -10.39
N ASP A 256 10.09 -11.97 -10.20
CA ASP A 256 9.86 -11.15 -9.01
C ASP A 256 8.46 -11.37 -8.43
N SER A 257 8.32 -11.19 -7.11
CA SER A 257 7.05 -11.49 -6.43
C SER A 257 6.03 -10.37 -6.64
N GLY A 258 4.77 -10.75 -6.55
CA GLY A 258 3.67 -9.82 -6.73
C GLY A 258 2.37 -10.35 -6.16
N ILE A 259 1.33 -9.54 -6.21
CA ILE A 259 0.02 -9.89 -5.68
C ILE A 259 -1.10 -9.61 -6.69
N ILE A 260 -2.08 -10.49 -6.77
CA ILE A 260 -3.25 -10.19 -7.58
C ILE A 260 -4.51 -10.22 -6.73
N TYR A 261 -5.21 -9.10 -6.64
CA TYR A 261 -6.38 -9.03 -5.78
C TYR A 261 -7.68 -9.33 -6.52
N CYS A 262 -8.45 -10.28 -6.01
CA CYS A 262 -9.71 -10.68 -6.63
C CYS A 262 -10.87 -10.48 -5.63
N LEU A 263 -12.08 -10.25 -6.12
CA LEU A 263 -13.18 -9.97 -5.21
C LEU A 263 -13.57 -11.16 -4.35
N SER A 264 -13.65 -12.35 -4.93
CA SER A 264 -14.15 -13.50 -4.17
C SER A 264 -13.07 -14.54 -3.98
N ARG A 265 -13.24 -15.37 -2.95
CA ARG A 265 -12.40 -16.56 -2.77
C ARG A 265 -12.39 -17.47 -3.97
N ARG A 266 -13.52 -17.56 -4.66
CA ARG A 266 -13.62 -18.45 -5.80
C ARG A 266 -12.79 -17.90 -6.94
N GLU A 267 -12.96 -16.61 -7.22
CA GLU A 267 -12.26 -15.97 -8.31
C GLU A 267 -10.75 -16.03 -8.08
N CYS A 268 -10.34 -16.09 -6.81
CA CYS A 268 -8.92 -16.26 -6.45
C CYS A 268 -8.43 -17.61 -6.91
N ASP A 269 -9.17 -18.65 -6.52
CA ASP A 269 -8.87 -20.03 -6.90
C ASP A 269 -8.81 -20.13 -8.41
N THR A 270 -9.76 -19.49 -9.07
CA THR A 270 -9.84 -19.53 -10.52
C THR A 270 -8.61 -18.86 -11.10
N MET A 271 -8.34 -17.64 -10.65
CA MET A 271 -7.15 -16.90 -11.08
C MET A 271 -5.86 -17.67 -10.81
N ALA A 272 -5.78 -18.28 -9.63
CA ALA A 272 -4.61 -19.05 -9.21
C ALA A 272 -4.41 -20.29 -10.05
N ASP A 273 -5.53 -20.94 -10.33
CA ASP A 273 -5.54 -22.16 -11.11
C ASP A 273 -5.03 -21.90 -12.52
N THR A 274 -5.63 -20.94 -13.20
CA THR A 274 -5.24 -20.58 -14.55
C THR A 274 -3.75 -20.31 -14.69
N LEU A 275 -3.20 -19.55 -13.76
CA LEU A 275 -1.77 -19.23 -13.78
C LEU A 275 -0.83 -20.41 -13.53
N GLN A 276 -1.17 -21.28 -12.60
CA GLN A 276 -0.30 -22.40 -12.28
C GLN A 276 -0.05 -23.37 -13.42
N ARG A 277 -1.13 -23.71 -14.11
CA ARG A 277 -1.10 -24.70 -15.18
C ARG A 277 -0.42 -24.19 -16.45
N ASP A 278 -0.14 -22.89 -16.48
CA ASP A 278 0.60 -22.30 -17.58
C ASP A 278 2.07 -22.11 -17.21
N GLY A 279 2.41 -22.51 -15.99
CA GLY A 279 3.78 -22.57 -15.53
C GLY A 279 4.20 -21.45 -14.61
N LEU A 280 3.22 -20.68 -14.14
CA LEU A 280 3.49 -19.58 -13.23
C LEU A 280 3.30 -20.03 -11.78
N ALA A 281 4.26 -19.71 -10.92
CA ALA A 281 4.17 -20.12 -9.52
C ALA A 281 3.12 -19.33 -8.74
N ALA A 282 1.85 -19.59 -9.01
CA ALA A 282 0.78 -18.87 -8.33
C ALA A 282 0.10 -19.74 -7.28
N LEU A 283 -0.30 -19.13 -6.18
CA LEU A 283 -1.08 -19.81 -5.14
C LEU A 283 -2.26 -18.94 -4.71
N ALA A 284 -3.34 -19.56 -4.26
CA ALA A 284 -4.46 -18.76 -3.78
C ALA A 284 -4.25 -18.47 -2.30
N TYR A 285 -4.78 -17.35 -1.83
CA TYR A 285 -4.58 -16.93 -0.44
C TYR A 285 -5.83 -16.22 0.08
N HIS A 286 -6.54 -16.85 1.01
CA HIS A 286 -7.75 -16.25 1.56
C HIS A 286 -8.20 -17.03 2.81
N ALA A 287 -9.28 -16.57 3.43
CA ALA A 287 -9.74 -17.17 4.70
C ALA A 287 -10.36 -18.54 4.53
N GLY A 288 -10.58 -18.95 3.27
CA GLY A 288 -11.15 -20.25 3.01
C GLY A 288 -10.13 -21.35 3.18
N LEU A 289 -8.86 -20.98 3.28
CA LEU A 289 -7.79 -21.96 3.41
C LEU A 289 -7.68 -22.48 4.83
N SER A 290 -7.37 -23.77 4.95
CA SER A 290 -7.02 -24.35 6.24
C SER A 290 -5.80 -23.63 6.82
N ASP A 291 -5.71 -23.62 8.14
CA ASP A 291 -4.63 -22.91 8.81
C ASP A 291 -3.26 -23.48 8.43
N SER A 292 -3.23 -24.78 8.14
CA SER A 292 -2.01 -25.45 7.71
C SER A 292 -1.62 -24.99 6.30
N ALA A 293 -2.63 -24.78 5.47
CA ALA A 293 -2.44 -24.31 4.10
C ALA A 293 -1.95 -22.88 4.09
N ARG A 294 -2.65 -22.03 4.82
CA ARG A 294 -2.30 -20.62 4.94
C ARG A 294 -0.83 -20.42 5.32
N ASP A 295 -0.35 -21.14 6.33
CA ASP A 295 1.05 -21.05 6.74
C ASP A 295 2.02 -21.48 5.65
N GLU A 296 1.62 -22.44 4.82
CA GLU A 296 2.51 -22.95 3.78
C GLU A 296 2.65 -21.95 2.62
N VAL A 297 1.56 -21.24 2.34
CA VAL A 297 1.54 -20.22 1.29
C VAL A 297 2.51 -19.09 1.61
N GLN A 298 2.41 -18.57 2.83
CA GLN A 298 3.22 -17.43 3.24
C GLN A 298 4.68 -17.85 3.37
N GLN A 299 4.91 -19.13 3.68
CA GLN A 299 6.26 -19.64 3.69
C GLN A 299 6.86 -19.57 2.29
N LYS A 300 6.09 -20.02 1.30
CA LYS A 300 6.59 -20.07 -0.07
C LYS A 300 6.69 -18.69 -0.70
N TRP A 301 5.74 -17.82 -0.42
CA TRP A 301 5.71 -16.51 -1.08
C TRP A 301 6.73 -15.53 -0.54
N ILE A 302 6.77 -15.38 0.79
CA ILE A 302 7.68 -14.45 1.42
C ILE A 302 9.14 -14.81 1.16
N ASN A 303 9.46 -16.10 1.20
CA ASN A 303 10.85 -16.51 1.04
C ASN A 303 11.21 -16.78 -0.40
N GLN A 304 10.24 -16.58 -1.29
CA GLN A 304 10.41 -16.86 -2.72
C GLN A 304 10.88 -18.30 -2.90
N ASP A 305 10.13 -19.23 -2.34
CA ASP A 305 10.46 -20.64 -2.44
C ASP A 305 9.27 -21.39 -3.02
N GLY A 306 9.18 -21.39 -4.33
CA GLY A 306 8.16 -22.12 -5.06
C GLY A 306 6.86 -21.36 -5.24
N CYS A 307 6.87 -20.07 -4.92
CA CYS A 307 5.70 -19.26 -5.18
C CYS A 307 6.12 -17.83 -5.53
N GLN A 308 5.72 -17.38 -6.70
CA GLN A 308 6.01 -16.03 -7.16
C GLN A 308 4.85 -15.09 -6.89
N VAL A 309 3.63 -15.58 -7.07
CA VAL A 309 2.45 -14.71 -6.99
C VAL A 309 1.36 -15.29 -6.10
N ILE A 310 0.78 -14.45 -5.25
CA ILE A 310 -0.38 -14.84 -4.48
C ILE A 310 -1.65 -14.19 -5.03
N CYS A 311 -2.72 -14.96 -5.14
CA CYS A 311 -4.00 -14.43 -5.59
C CYS A 311 -4.94 -14.26 -4.41
N ALA A 312 -4.99 -13.05 -3.84
CA ALA A 312 -5.65 -12.83 -2.56
C ALA A 312 -6.89 -11.92 -2.56
N THR A 313 -7.80 -12.18 -1.64
CA THR A 313 -8.88 -11.26 -1.31
C THR A 313 -8.28 -10.11 -0.50
N ILE A 314 -8.86 -8.91 -0.66
CA ILE A 314 -8.33 -7.73 0.02
C ILE A 314 -8.17 -7.87 1.53
N ALA A 315 -9.17 -8.45 2.19
CA ALA A 315 -9.11 -8.67 3.64
C ALA A 315 -7.89 -9.47 4.05
N PHE A 316 -7.61 -10.54 3.32
CA PHE A 316 -6.56 -11.47 3.68
C PHE A 316 -5.20 -11.04 3.17
N GLY A 317 -5.19 -10.26 2.08
CA GLY A 317 -3.94 -9.81 1.49
C GLY A 317 -3.20 -8.81 2.37
N MET A 318 -3.94 -8.11 3.23
CA MET A 318 -3.34 -7.18 4.19
C MET A 318 -2.55 -7.87 5.29
N GLY A 319 -2.82 -9.16 5.48
CA GLY A 319 -2.22 -9.90 6.59
C GLY A 319 -0.78 -10.32 6.43
N ILE A 320 -0.26 -10.24 5.21
CA ILE A 320 1.15 -10.55 4.95
C ILE A 320 1.77 -9.58 3.95
N ASP A 321 3.10 -9.53 3.95
CA ASP A 321 3.82 -8.53 3.19
C ASP A 321 5.29 -8.88 3.05
N LYS A 322 5.92 -8.38 2.00
CA LYS A 322 7.36 -8.42 1.88
C LYS A 322 7.80 -7.12 1.23
N PRO A 323 9.06 -6.71 1.45
CA PRO A 323 9.41 -5.36 1.00
C PRO A 323 9.68 -5.21 -0.48
N ASP A 324 9.97 -6.32 -1.16
CA ASP A 324 10.34 -6.25 -2.57
C ASP A 324 9.24 -6.76 -3.50
N VAL A 325 8.00 -6.39 -3.19
CA VAL A 325 6.88 -6.65 -4.09
C VAL A 325 6.99 -5.70 -5.29
N ARG A 326 7.23 -6.27 -6.47
CA ARG A 326 7.52 -5.48 -7.66
C ARG A 326 6.28 -5.09 -8.47
N PHE A 327 5.17 -5.79 -8.24
CA PHE A 327 3.93 -5.42 -8.91
C PHE A 327 2.70 -5.85 -8.12
N VAL A 328 1.64 -5.05 -8.22
CA VAL A 328 0.37 -5.39 -7.61
C VAL A 328 -0.77 -5.18 -8.61
N ILE A 329 -1.54 -6.23 -8.86
CA ILE A 329 -2.60 -6.17 -9.85
C ILE A 329 -3.97 -6.32 -9.22
N HIS A 330 -4.86 -5.39 -9.51
CA HIS A 330 -6.27 -5.53 -9.12
C HIS A 330 -7.09 -6.10 -10.27
N ALA A 331 -7.51 -7.35 -10.12
CA ALA A 331 -8.19 -8.03 -11.22
C ALA A 331 -9.54 -7.40 -11.44
N SER A 332 -10.15 -6.87 -10.38
CA SER A 332 -11.44 -6.21 -10.58
C SER A 332 -11.38 -4.74 -10.19
N LEU A 333 -12.51 -4.21 -9.76
CA LEU A 333 -12.59 -2.79 -9.43
C LEU A 333 -12.68 -2.61 -7.94
N PRO A 334 -11.71 -1.88 -7.35
CA PRO A 334 -11.67 -1.65 -5.90
C PRO A 334 -12.92 -0.92 -5.43
N LYS A 335 -13.30 -1.12 -4.17
CA LYS A 335 -14.51 -0.50 -3.61
C LYS A 335 -14.41 1.01 -3.42
N SER A 336 -13.19 1.52 -3.21
CA SER A 336 -12.96 2.95 -2.98
C SER A 336 -11.55 3.36 -3.32
N VAL A 337 -11.31 4.67 -3.47
CA VAL A 337 -9.97 5.15 -3.78
C VAL A 337 -8.97 5.01 -2.63
N GLU A 338 -9.41 5.28 -1.41
CA GLU A 338 -8.56 5.09 -0.24
C GLU A 338 -8.12 3.63 -0.21
N GLY A 339 -9.09 2.73 -0.36
CA GLY A 339 -8.81 1.31 -0.43
C GLY A 339 -7.81 0.99 -1.53
N TYR A 340 -8.04 1.49 -2.73
CA TYR A 340 -7.10 1.17 -3.80
C TYR A 340 -5.71 1.66 -3.44
N TYR A 341 -5.65 2.87 -2.88
CA TYR A 341 -4.38 3.50 -2.51
C TYR A 341 -3.61 2.72 -1.46
N GLN A 342 -4.29 2.27 -0.40
CA GLN A 342 -3.63 1.52 0.65
C GLN A 342 -3.20 0.15 0.20
N GLU A 343 -4.02 -0.46 -0.65
CA GLU A 343 -3.76 -1.79 -1.16
C GLU A 343 -2.59 -1.84 -2.14
N SER A 344 -2.60 -0.95 -3.12
CA SER A 344 -1.55 -0.90 -4.13
C SER A 344 -0.32 -0.23 -3.58
N GLY A 345 -0.51 0.46 -2.47
CA GLY A 345 0.52 1.22 -1.80
C GLY A 345 1.57 0.32 -1.18
N ARG A 346 1.14 -0.86 -0.75
CA ARG A 346 2.05 -1.79 -0.09
C ARG A 346 3.10 -2.36 -1.05
N ALA A 347 2.98 -2.02 -2.33
CA ALA A 347 4.01 -2.42 -3.28
C ALA A 347 5.27 -1.58 -3.12
N GLY A 348 6.44 -2.19 -3.35
CA GLY A 348 7.69 -1.46 -3.32
C GLY A 348 8.04 -0.71 -2.05
N ARG A 349 7.86 -1.36 -0.91
CA ARG A 349 8.22 -0.75 0.37
C ARG A 349 9.73 -0.51 0.43
N ASP A 350 10.49 -1.29 -0.32
CA ASP A 350 11.95 -1.15 -0.33
C ASP A 350 12.40 0.06 -1.14
N GLY A 351 11.45 0.79 -1.69
CA GLY A 351 11.77 2.03 -2.37
C GLY A 351 12.10 1.88 -3.84
N GLU A 352 12.26 0.65 -4.31
CA GLU A 352 12.54 0.45 -5.72
C GLU A 352 11.26 0.55 -6.52
N ILE A 353 11.38 0.84 -7.81
CA ILE A 353 10.22 0.98 -8.68
C ILE A 353 9.35 -0.26 -8.72
N SER A 354 8.04 -0.07 -8.59
CA SER A 354 7.08 -1.16 -8.63
C SER A 354 5.83 -0.71 -9.37
N HIS A 355 5.02 -1.67 -9.85
CA HIS A 355 3.90 -1.34 -10.74
C HIS A 355 2.56 -1.67 -10.11
N CYS A 356 1.59 -0.77 -10.32
CA CYS A 356 0.24 -0.95 -9.80
C CYS A 356 -0.82 -0.92 -10.88
N LEU A 357 -1.32 -2.10 -11.24
CA LEU A 357 -2.21 -2.29 -12.37
C LEU A 357 -3.66 -2.56 -11.98
N LEU A 358 -4.54 -1.67 -12.38
CA LEU A 358 -5.96 -1.82 -12.16
C LEU A 358 -6.68 -2.17 -13.45
N PHE A 359 -7.30 -3.35 -13.50
CA PHE A 359 -8.07 -3.75 -14.66
C PHE A 359 -9.50 -3.26 -14.53
N TYR A 360 -9.91 -2.42 -15.47
CA TYR A 360 -11.19 -1.73 -15.37
C TYR A 360 -12.18 -1.94 -16.49
N THR A 361 -13.43 -2.19 -16.09
CA THR A 361 -14.59 -2.10 -16.97
C THR A 361 -15.76 -1.62 -16.15
N TYR A 362 -16.62 -0.80 -16.74
CA TYR A 362 -17.78 -0.30 -16.02
C TYR A 362 -18.77 -1.40 -15.63
N HIS A 363 -18.70 -2.55 -16.29
CA HIS A 363 -19.50 -3.70 -15.90
C HIS A 363 -19.25 -4.11 -14.44
N ASP A 364 -18.02 -3.98 -13.98
CA ASP A 364 -17.68 -4.32 -12.60
C ASP A 364 -18.40 -3.43 -11.61
N VAL A 365 -18.84 -2.26 -12.05
CA VAL A 365 -19.53 -1.32 -11.17
C VAL A 365 -20.90 -1.84 -10.73
N THR A 366 -21.71 -2.25 -11.68
CA THR A 366 -23.02 -2.84 -11.38
C THR A 366 -22.93 -4.05 -10.44
N ARG A 367 -21.90 -4.88 -10.63
CA ARG A 367 -21.63 -5.98 -9.70
C ARG A 367 -21.45 -5.47 -8.27
N LEU A 368 -20.48 -4.57 -8.10
CA LEU A 368 -20.19 -3.96 -6.80
C LEU A 368 -21.35 -3.16 -6.26
N LYS A 369 -22.21 -2.67 -7.15
CA LYS A 369 -23.39 -1.91 -6.72
C LYS A 369 -24.37 -2.81 -5.98
N ARG A 370 -24.55 -4.01 -6.50
CA ARG A 370 -25.43 -5.02 -5.91
C ARG A 370 -24.93 -5.55 -4.57
N LEU A 371 -23.62 -5.64 -4.40
CA LEU A 371 -23.03 -6.09 -3.15
C LEU A 371 -23.45 -5.19 -1.98
N ILE A 372 -23.48 -3.89 -2.23
CA ILE A 372 -23.88 -2.92 -1.22
C ILE A 372 -25.32 -3.13 -0.78
N MET A 373 -26.18 -3.39 -1.75
CA MET A 373 -27.60 -3.59 -1.47
C MET A 373 -27.84 -4.88 -0.67
N MET A 374 -27.12 -5.94 -1.04
CA MET A 374 -27.30 -7.24 -0.41
C MET A 374 -26.98 -7.25 1.09
N GLU A 375 -25.78 -6.81 1.44
CA GLU A 375 -25.24 -7.01 2.79
C GLU A 375 -26.13 -6.42 3.88
N LYS A 376 -26.11 -7.08 5.04
CA LYS A 376 -27.22 -7.03 5.98
C LYS A 376 -26.86 -6.57 7.39
N ASP A 377 -25.99 -5.57 7.52
CA ASP A 377 -25.73 -4.98 8.83
C ASP A 377 -26.82 -3.95 9.10
N GLY A 378 -27.52 -3.58 8.03
CA GLY A 378 -28.55 -2.57 8.07
C GLY A 378 -28.42 -1.64 6.88
N ASN A 379 -29.48 -1.57 6.07
CA ASN A 379 -29.45 -0.71 4.89
C ASN A 379 -29.73 0.74 5.27
N HIS A 380 -28.68 1.43 5.70
CA HIS A 380 -28.82 2.83 6.08
C HIS A 380 -28.35 3.76 4.97
N HIS A 381 -28.66 5.03 5.14
CA HIS A 381 -28.07 6.12 4.36
C HIS A 381 -26.66 6.45 4.90
N THR A 382 -25.94 5.40 5.29
CA THR A 382 -24.49 5.46 5.44
C THR A 382 -23.93 4.50 4.40
N ARG A 383 -24.67 3.42 4.16
CA ARG A 383 -24.34 2.48 3.10
C ARG A 383 -24.52 3.16 1.73
N GLU A 384 -25.18 4.30 1.71
CA GLU A 384 -25.29 5.16 0.52
C GLU A 384 -23.92 5.75 0.23
N THR A 385 -23.17 6.07 1.29
CA THR A 385 -21.82 6.59 1.17
C THR A 385 -20.91 5.53 0.55
N HIS A 386 -21.13 4.25 0.82
CA HIS A 386 -20.34 3.21 0.17
C HIS A 386 -20.53 3.36 -1.34
N PHE A 387 -21.70 3.86 -1.74
CA PHE A 387 -21.94 4.13 -3.14
C PHE A 387 -21.18 5.38 -3.56
N ASN A 388 -21.10 6.37 -2.68
CA ASN A 388 -20.32 7.58 -2.98
C ASN A 388 -18.87 7.27 -3.29
N ASN A 389 -18.23 6.49 -2.42
CA ASN A 389 -16.84 6.09 -2.62
C ASN A 389 -16.63 5.38 -3.93
N LEU A 390 -17.59 4.52 -4.27
CA LEU A 390 -17.58 3.77 -5.51
C LEU A 390 -17.51 4.70 -6.71
N TYR A 391 -18.32 5.75 -6.71
CA TYR A 391 -18.33 6.69 -7.83
C TYR A 391 -17.00 7.42 -7.92
N SER A 392 -16.40 7.69 -6.77
CA SER A 392 -15.09 8.32 -6.74
C SER A 392 -14.01 7.43 -7.38
N MET A 393 -14.18 6.11 -7.27
CA MET A 393 -13.28 5.14 -7.87
C MET A 393 -13.35 5.06 -9.37
N VAL A 394 -14.56 5.14 -9.88
CA VAL A 394 -14.81 5.07 -11.31
C VAL A 394 -14.14 6.30 -11.96
N HIS A 395 -14.23 7.43 -11.26
CA HIS A 395 -13.64 8.68 -11.72
C HIS A 395 -12.15 8.53 -11.90
N TYR A 396 -11.53 7.79 -11.00
CA TYR A 396 -10.10 7.57 -11.09
C TYR A 396 -9.85 6.85 -12.40
N CYS A 397 -10.70 5.85 -12.67
CA CYS A 397 -10.55 5.03 -13.87
C CYS A 397 -10.93 5.76 -15.16
N GLU A 398 -12.03 6.50 -15.15
CA GLU A 398 -12.46 7.21 -16.35
C GLU A 398 -11.58 8.41 -16.71
N ASN A 399 -10.92 9.01 -15.73
CA ASN A 399 -10.04 10.15 -15.98
C ASN A 399 -8.73 9.70 -16.57
N ILE A 400 -8.54 9.96 -17.86
CA ILE A 400 -7.35 9.48 -18.55
C ILE A 400 -6.47 10.63 -19.04
N THR A 401 -6.57 11.77 -18.36
CA THR A 401 -5.80 12.95 -18.75
C THR A 401 -5.02 13.50 -17.57
N GLU A 402 -5.74 13.75 -16.46
CA GLU A 402 -5.14 14.28 -15.26
C GLU A 402 -4.23 13.26 -14.60
N CYS A 403 -3.05 13.71 -14.18
CA CYS A 403 -2.08 12.88 -13.47
C CYS A 403 -2.72 12.09 -12.32
N ARG A 404 -2.50 10.78 -12.29
CA ARG A 404 -3.17 9.94 -11.32
C ARG A 404 -2.66 10.20 -9.90
N ARG A 405 -1.41 10.67 -9.82
CA ARG A 405 -0.81 11.08 -8.54
C ARG A 405 -1.60 12.22 -7.97
N ILE A 406 -2.05 13.12 -8.84
CA ILE A 406 -2.82 14.24 -8.35
C ILE A 406 -4.19 13.75 -7.95
N GLN A 407 -4.74 12.85 -8.75
CA GLN A 407 -6.07 12.28 -8.50
C GLN A 407 -6.18 11.56 -7.15
N LEU A 408 -5.16 10.77 -6.82
CA LEU A 408 -5.15 10.02 -5.57
C LEU A 408 -5.03 10.98 -4.40
N LEU A 409 -4.05 11.88 -4.47
CA LEU A 409 -3.79 12.82 -3.38
C LEU A 409 -4.93 13.80 -3.23
N ALA A 410 -5.60 14.14 -4.33
CA ALA A 410 -6.73 15.06 -4.30
C ALA A 410 -7.87 14.46 -3.48
N TYR A 411 -7.90 13.13 -3.41
CA TYR A 411 -8.92 12.39 -2.68
C TYR A 411 -8.74 12.48 -1.17
N PHE A 412 -7.52 12.81 -0.77
CA PHE A 412 -7.21 12.97 0.63
C PHE A 412 -7.17 14.46 0.94
N GLY A 413 -7.30 15.26 -0.11
CA GLY A 413 -7.30 16.71 -0.02
C GLY A 413 -5.91 17.31 0.12
N GLU A 414 -4.90 16.56 -0.27
CA GLU A 414 -3.51 17.03 -0.21
C GLU A 414 -3.23 18.20 -1.15
N ASN A 415 -2.67 19.26 -0.57
CA ASN A 415 -2.40 20.51 -1.28
C ASN A 415 -0.90 20.72 -1.36
N GLY A 416 -0.41 21.21 -2.49
CA GLY A 416 1.01 21.44 -2.62
C GLY A 416 1.71 20.64 -3.70
N PHE A 417 1.15 19.47 -4.03
CA PHE A 417 1.85 18.51 -4.89
C PHE A 417 2.06 19.14 -6.26
N ASN A 418 3.31 19.11 -6.73
CA ASN A 418 3.65 19.68 -8.03
C ASN A 418 3.37 18.70 -9.16
N PRO A 419 2.52 19.10 -10.12
CA PRO A 419 2.13 18.30 -11.29
C PRO A 419 3.26 18.10 -12.29
N ASP A 420 4.47 18.46 -11.89
CA ASP A 420 5.63 18.34 -12.75
C ASP A 420 6.33 17.03 -12.44
N PHE A 421 5.75 16.28 -11.52
CA PHE A 421 6.44 15.15 -10.93
C PHE A 421 6.74 14.10 -12.00
N CYS A 422 5.71 13.63 -12.68
CA CYS A 422 5.88 12.57 -13.69
C CYS A 422 6.80 13.05 -14.81
N LYS A 423 6.81 14.36 -15.04
CA LYS A 423 7.66 14.96 -16.07
C LYS A 423 9.10 15.09 -15.58
N LYS A 424 9.26 15.40 -14.30
CA LYS A 424 10.59 15.51 -13.72
C LYS A 424 11.11 14.13 -13.37
N HIS A 425 10.19 13.17 -13.28
CA HIS A 425 10.55 11.79 -12.99
C HIS A 425 9.95 10.81 -14.00
N PRO A 426 10.49 10.78 -15.23
CA PRO A 426 9.96 9.92 -16.29
C PRO A 426 9.86 8.44 -15.90
N ASP A 427 10.86 7.94 -15.19
CA ASP A 427 10.92 6.52 -14.83
C ASP A 427 9.74 6.00 -14.02
N VAL A 428 8.99 6.88 -13.36
CA VAL A 428 7.87 6.44 -12.54
C VAL A 428 6.60 7.19 -12.91
N SER A 429 6.52 7.62 -14.17
CA SER A 429 5.35 8.32 -14.68
C SER A 429 4.14 7.40 -14.69
N CYS A 430 2.97 7.97 -14.44
CA CYS A 430 1.72 7.23 -14.56
C CYS A 430 1.25 7.13 -16.01
N ASP A 431 0.27 6.27 -16.28
CA ASP A 431 -0.16 6.04 -17.65
C ASP A 431 -0.76 7.28 -18.31
N ASN A 432 -1.59 8.01 -17.60
CA ASN A 432 -2.17 9.24 -18.14
C ASN A 432 -1.11 10.22 -18.61
N CYS A 433 -0.05 10.40 -17.85
CA CYS A 433 0.97 11.36 -18.27
C CYS A 433 1.86 10.68 -19.31
N CYS A 434 1.75 9.35 -19.39
CA CYS A 434 2.42 8.54 -20.38
C CYS A 434 1.77 8.68 -21.75
N LYS A 435 0.45 8.89 -21.74
CA LYS A 435 -0.31 9.05 -22.99
C LYS A 435 0.18 10.21 -23.82
N THR A 436 0.66 9.80 -24.99
CA THR A 436 1.37 10.63 -25.95
C THR A 436 0.66 11.84 -26.56
N LYS A 437 -0.54 11.63 -27.09
CA LYS A 437 -1.24 12.69 -27.80
C LYS A 437 -2.30 13.46 -27.03
N ASP A 438 -2.75 14.55 -27.64
CA ASP A 438 -3.71 15.46 -27.03
C ASP A 438 -5.13 15.18 -27.57
N TYR A 439 -6.11 15.82 -26.95
CA TYR A 439 -7.52 15.70 -27.29
C TYR A 439 -8.23 17.03 -27.04
N LYS A 440 -9.22 17.33 -27.89
CA LYS A 440 -9.96 18.58 -27.77
C LYS A 440 -11.33 18.27 -27.17
N THR A 441 -11.68 19.10 -26.21
CA THR A 441 -12.95 19.07 -25.51
C THR A 441 -14.02 19.86 -26.25
N ARG A 442 -15.16 19.23 -26.43
CA ARG A 442 -16.23 19.88 -27.17
C ARG A 442 -17.48 19.95 -26.32
N ASP A 443 -18.41 20.79 -26.74
CA ASP A 443 -19.71 20.92 -26.10
C ASP A 443 -20.69 20.00 -26.81
N VAL A 444 -21.42 19.19 -26.05
CA VAL A 444 -22.33 18.25 -26.68
C VAL A 444 -23.71 18.38 -26.03
N THR A 445 -24.00 19.59 -25.53
CA THR A 445 -25.25 19.88 -24.84
C THR A 445 -26.44 19.59 -25.74
N ASP A 446 -26.30 19.93 -27.02
CA ASP A 446 -27.29 19.61 -28.02
C ASP A 446 -27.58 18.11 -27.98
N ASP A 447 -26.52 17.33 -28.13
CA ASP A 447 -26.60 15.87 -28.12
C ASP A 447 -27.16 15.28 -26.84
N VAL A 448 -26.77 15.85 -25.71
CA VAL A 448 -27.24 15.42 -24.40
C VAL A 448 -28.73 15.64 -24.16
N LYS A 449 -29.24 16.78 -24.59
CA LYS A 449 -30.66 17.07 -24.48
C LYS A 449 -31.51 15.99 -25.13
N SER A 450 -31.21 15.69 -26.41
CA SER A 450 -31.87 14.62 -27.13
C SER A 450 -31.83 13.31 -26.35
N ILE A 451 -30.67 12.99 -25.79
CA ILE A 451 -30.48 11.77 -25.02
C ILE A 451 -31.36 11.75 -23.77
N VAL A 452 -31.28 12.81 -22.99
CA VAL A 452 -32.07 12.95 -21.75
C VAL A 452 -33.56 12.82 -22.06
N ARG A 453 -33.98 13.41 -23.17
CA ARG A 453 -35.37 13.34 -23.63
C ARG A 453 -35.76 11.90 -23.97
N PHE A 454 -34.85 11.20 -24.65
CA PHE A 454 -35.03 9.81 -25.02
C PHE A 454 -35.31 8.93 -23.81
N VAL A 455 -34.50 9.07 -22.77
CA VAL A 455 -34.63 8.25 -21.58
C VAL A 455 -35.95 8.54 -20.85
N GLN A 456 -36.34 9.82 -20.86
CA GLN A 456 -37.53 10.29 -20.15
C GLN A 456 -38.80 9.68 -20.72
N GLU A 457 -38.84 9.56 -22.03
CA GLU A 457 -39.96 9.00 -22.78
C GLU A 457 -40.24 7.53 -22.49
N HIS A 458 -39.22 6.69 -22.58
CA HIS A 458 -39.37 5.26 -22.40
C HIS A 458 -39.30 4.78 -20.95
N SER A 459 -38.88 5.66 -20.04
CA SER A 459 -38.87 5.32 -18.62
C SER A 459 -40.29 5.33 -18.05
N SER A 460 -41.10 6.28 -18.50
CA SER A 460 -42.48 6.40 -18.03
C SER A 460 -43.31 5.17 -18.41
N SER A 473 -38.91 -0.01 -13.82
CA SER A 473 -38.26 1.27 -14.02
C SER A 473 -37.74 1.41 -15.43
N GLY A 474 -36.46 1.78 -15.56
CA GLY A 474 -35.82 1.95 -16.84
C GLY A 474 -36.01 0.78 -17.80
N ARG A 475 -35.83 1.03 -19.09
CA ARG A 475 -36.03 -0.01 -20.09
C ARG A 475 -34.90 -0.06 -21.12
N PHE A 476 -33.80 0.63 -20.87
CA PHE A 476 -32.66 0.56 -21.77
C PHE A 476 -31.30 0.64 -21.07
N THR A 477 -30.58 -0.47 -21.07
CA THR A 477 -29.26 -0.51 -20.42
C THR A 477 -28.28 0.40 -21.16
N MET A 478 -27.10 0.56 -20.60
CA MET A 478 -26.06 1.40 -21.21
C MET A 478 -25.67 0.88 -22.57
N ASN A 479 -25.51 -0.44 -22.68
CA ASN A 479 -25.08 -1.06 -23.93
C ASN A 479 -26.10 -0.83 -25.03
N MET A 480 -27.37 -1.12 -24.73
CA MET A 480 -28.46 -0.82 -25.65
C MET A 480 -28.41 0.64 -26.08
N LEU A 481 -28.35 1.54 -25.10
CA LEU A 481 -28.28 2.98 -25.36
C LEU A 481 -27.10 3.37 -26.24
N VAL A 482 -26.00 2.63 -26.15
CA VAL A 482 -24.83 2.96 -26.94
C VAL A 482 -25.02 2.43 -28.35
N ASP A 483 -25.56 1.22 -28.46
CA ASP A 483 -25.80 0.61 -29.76
C ASP A 483 -26.79 1.46 -30.54
N ILE A 484 -27.80 1.95 -29.83
CA ILE A 484 -28.84 2.76 -30.42
C ILE A 484 -28.32 4.10 -30.90
N PHE A 485 -27.59 4.77 -30.02
CA PHE A 485 -26.93 6.02 -30.38
C PHE A 485 -25.66 5.89 -31.22
N LEU A 486 -25.18 4.68 -31.47
CA LEU A 486 -24.05 4.53 -32.38
C LEU A 486 -24.54 4.30 -33.81
N GLY A 487 -25.84 4.08 -33.97
CA GLY A 487 -26.41 3.83 -35.28
C GLY A 487 -25.98 2.46 -35.80
N SER A 488 -25.75 1.53 -34.88
CA SER A 488 -25.33 0.17 -35.21
C SER A 488 -26.42 -0.69 -35.84
N LYS A 489 -26.09 -1.95 -36.10
CA LYS A 489 -27.02 -2.88 -36.74
C LYS A 489 -27.35 -3.98 -35.73
N SER A 490 -27.04 -3.67 -34.47
CA SER A 490 -27.31 -4.57 -33.37
C SER A 490 -28.21 -3.78 -32.44
N ALA A 491 -28.61 -2.62 -32.92
CA ALA A 491 -29.38 -1.67 -32.14
C ALA A 491 -30.80 -2.20 -31.97
N LYS A 492 -31.42 -1.92 -30.83
CA LYS A 492 -32.62 -2.64 -30.47
C LYS A 492 -33.82 -1.88 -31.03
N ILE A 493 -33.66 -0.57 -31.19
CA ILE A 493 -34.73 0.31 -31.64
C ILE A 493 -34.16 1.51 -32.39
N GLN A 494 -34.66 1.77 -33.59
CA GLN A 494 -34.16 2.89 -34.38
C GLN A 494 -35.21 4.00 -34.40
N SER A 495 -35.50 4.57 -33.24
CA SER A 495 -36.49 5.65 -33.18
C SER A 495 -36.03 7.05 -32.73
N GLY A 496 -35.95 7.27 -31.42
CA GLY A 496 -35.51 8.55 -30.92
C GLY A 496 -34.12 9.12 -31.18
N ILE A 497 -33.07 8.31 -31.19
CA ILE A 497 -31.76 8.88 -31.52
C ILE A 497 -30.83 7.92 -32.25
N PHE A 498 -31.38 7.17 -33.20
CA PHE A 498 -30.59 6.23 -33.97
C PHE A 498 -29.68 6.92 -34.97
N GLY A 499 -28.37 6.66 -34.97
CA GLY A 499 -27.59 7.34 -35.99
C GLY A 499 -27.09 8.75 -35.73
N LYS A 500 -27.18 9.25 -34.50
CA LYS A 500 -26.65 10.57 -34.23
C LYS A 500 -25.20 10.53 -33.73
N GLY A 501 -24.90 9.69 -32.76
CA GLY A 501 -23.50 9.38 -32.48
C GLY A 501 -22.81 8.59 -33.59
N SER A 502 -23.15 8.84 -34.84
CA SER A 502 -22.41 8.29 -35.99
C SER A 502 -20.99 8.84 -36.08
N ALA A 503 -20.84 10.06 -35.61
CA ALA A 503 -19.58 10.77 -35.52
C ALA A 503 -18.65 10.06 -34.55
N TYR A 504 -19.23 9.69 -33.42
CA TYR A 504 -18.55 9.05 -32.30
C TYR A 504 -18.12 7.60 -32.55
N SER A 505 -16.90 7.28 -32.12
CA SER A 505 -16.40 5.91 -32.12
C SER A 505 -17.05 5.14 -30.97
N ARG A 506 -16.90 3.82 -30.96
CA ARG A 506 -17.54 3.03 -29.92
C ARG A 506 -16.68 3.04 -28.66
N HIS A 507 -15.64 3.86 -28.69
CA HIS A 507 -14.81 4.07 -27.53
C HIS A 507 -15.25 5.37 -26.87
N ASN A 508 -15.29 6.42 -27.68
CA ASN A 508 -15.82 7.71 -27.25
C ASN A 508 -17.31 7.72 -26.99
N ALA A 509 -18.08 6.98 -27.78
CA ALA A 509 -19.52 6.85 -27.49
C ALA A 509 -19.72 6.20 -26.14
N GLU A 510 -18.85 5.27 -25.82
CA GLU A 510 -18.96 4.53 -24.57
C GLU A 510 -18.62 5.47 -23.42
N ARG A 511 -17.44 6.05 -23.46
CA ARG A 511 -17.02 6.94 -22.38
C ARG A 511 -17.96 8.10 -22.19
N LEU A 512 -18.51 8.62 -23.27
CA LEU A 512 -19.42 9.74 -23.16
C LEU A 512 -20.65 9.32 -22.36
N PHE A 513 -20.99 8.04 -22.44
CA PHE A 513 -22.15 7.54 -21.73
C PHE A 513 -21.76 7.23 -20.30
N LYS A 514 -20.47 6.97 -20.09
CA LYS A 514 -19.95 6.75 -18.75
C LYS A 514 -19.85 8.09 -18.02
N LYS A 515 -20.00 9.19 -18.76
CA LYS A 515 -19.78 10.52 -18.22
C LYS A 515 -21.10 11.25 -18.02
N LEU A 516 -22.21 10.52 -18.07
CA LEU A 516 -23.52 11.12 -17.91
C LEU A 516 -24.17 10.36 -16.77
N ILE A 517 -23.32 9.62 -16.06
CA ILE A 517 -23.71 8.72 -14.99
C ILE A 517 -22.71 9.04 -13.88
N LEU A 518 -21.89 10.04 -14.18
CA LEU A 518 -20.82 10.49 -13.30
C LEU A 518 -21.03 11.96 -12.96
N ASP A 519 -21.73 12.64 -13.85
CA ASP A 519 -22.19 14.01 -13.61
C ASP A 519 -23.59 14.04 -13.01
N LYS A 520 -24.06 12.89 -12.54
CA LYS A 520 -25.37 12.75 -11.93
C LYS A 520 -26.45 13.11 -12.95
N ILE A 521 -26.25 12.66 -14.18
CA ILE A 521 -27.14 12.99 -15.28
C ILE A 521 -28.04 11.77 -15.45
N LEU A 522 -27.45 10.57 -15.48
CA LEU A 522 -28.29 9.39 -15.59
C LEU A 522 -27.93 8.38 -14.47
N ASP A 523 -28.88 8.03 -13.62
CA ASP A 523 -28.62 7.11 -12.51
C ASP A 523 -28.78 5.69 -13.07
N GLU A 524 -28.65 4.65 -12.25
CA GLU A 524 -28.91 3.33 -12.80
C GLU A 524 -29.88 2.48 -11.97
N ASP A 525 -30.55 1.58 -12.68
CA ASP A 525 -31.58 0.66 -12.21
C ASP A 525 -30.93 -0.64 -11.78
N LEU A 526 -31.21 -1.18 -10.59
CA LEU A 526 -30.61 -2.49 -10.37
C LEU A 526 -31.64 -3.57 -10.13
N TYR A 527 -32.14 -4.01 -11.27
CA TYR A 527 -33.10 -5.09 -11.45
C TYR A 527 -32.27 -6.34 -11.22
N ILE A 528 -32.86 -7.41 -10.70
CA ILE A 528 -32.04 -8.58 -10.51
C ILE A 528 -32.56 -9.35 -11.71
N ASN A 529 -31.87 -10.40 -12.10
CA ASN A 529 -32.23 -11.12 -13.31
C ASN A 529 -32.94 -12.40 -13.08
N ALA A 530 -32.86 -13.32 -14.05
CA ALA A 530 -33.53 -14.58 -13.94
C ALA A 530 -32.44 -15.42 -13.28
N ASN A 531 -31.37 -14.71 -12.92
CA ASN A 531 -30.16 -15.23 -12.28
C ASN A 531 -29.53 -14.10 -11.48
N ASP A 532 -28.50 -14.42 -10.71
CA ASP A 532 -27.87 -13.47 -9.80
C ASP A 532 -27.20 -12.24 -10.42
N GLN A 533 -26.60 -12.36 -11.60
CA GLN A 533 -25.90 -11.23 -12.19
C GLN A 533 -26.97 -10.18 -12.52
N ALA A 534 -26.87 -9.04 -11.85
CA ALA A 534 -27.78 -7.92 -12.06
C ALA A 534 -27.45 -7.03 -13.24
N ILE A 535 -28.52 -6.48 -13.82
CA ILE A 535 -28.43 -5.57 -14.96
C ILE A 535 -28.75 -4.14 -14.54
N ALA A 536 -28.09 -3.17 -15.18
CA ALA A 536 -28.36 -1.77 -14.90
C ALA A 536 -29.14 -1.05 -15.97
N TYR A 537 -30.44 -0.88 -15.75
CA TYR A 537 -31.25 -0.15 -16.71
C TYR A 537 -31.02 1.34 -16.45
N VAL A 538 -30.93 2.15 -17.50
CA VAL A 538 -30.65 3.57 -17.33
C VAL A 538 -31.89 4.41 -17.02
N MET A 539 -31.75 5.29 -16.04
CA MET A 539 -32.82 6.16 -15.57
C MET A 539 -32.36 7.58 -15.72
N LEU A 540 -32.94 8.52 -15.00
CA LEU A 540 -32.49 9.92 -15.04
C LEU A 540 -31.86 10.42 -13.73
N GLY A 541 -30.92 11.36 -13.91
CA GLY A 541 -30.19 11.86 -12.78
C GLY A 541 -30.70 13.26 -12.50
N ASN A 542 -30.87 13.46 -11.18
CA ASN A 542 -31.33 14.71 -10.59
C ASN A 542 -30.91 16.00 -11.32
N LYS A 543 -29.64 16.13 -11.67
CA LYS A 543 -29.10 17.33 -12.30
C LYS A 543 -29.53 17.57 -13.75
N ALA A 544 -30.23 16.58 -14.31
CA ALA A 544 -30.75 16.63 -15.67
C ALA A 544 -31.66 17.80 -16.04
N GLN A 545 -32.33 18.39 -15.06
CA GLN A 545 -33.19 19.53 -15.36
C GLN A 545 -32.37 20.81 -15.31
N THR A 546 -31.29 20.82 -14.53
CA THR A 546 -30.50 22.04 -14.39
C THR A 546 -29.85 22.18 -15.77
N VAL A 547 -29.76 21.06 -16.49
CA VAL A 547 -29.28 21.02 -17.86
C VAL A 547 -30.38 21.43 -18.83
N LEU A 548 -31.58 20.89 -18.62
CA LEU A 548 -32.79 21.27 -19.36
C LEU A 548 -33.28 22.69 -19.10
N ASN A 549 -32.89 23.29 -17.98
CA ASN A 549 -33.36 24.63 -17.65
C ASN A 549 -32.80 25.59 -18.68
N GLY A 550 -31.56 25.30 -19.06
CA GLY A 550 -30.83 26.09 -20.02
C GLY A 550 -29.67 26.65 -19.23
N ASN A 551 -29.36 25.94 -18.14
CA ASN A 551 -28.34 26.40 -17.20
C ASN A 551 -27.01 25.67 -17.35
N LEU A 552 -26.94 24.43 -16.87
CA LEU A 552 -25.69 23.68 -16.94
C LEU A 552 -25.19 23.32 -18.35
N LYS A 553 -23.92 23.67 -18.58
CA LYS A 553 -23.18 23.39 -19.80
C LYS A 553 -22.48 22.03 -19.70
N VAL A 554 -22.42 21.27 -20.79
CA VAL A 554 -21.72 19.98 -20.71
C VAL A 554 -20.52 19.97 -21.68
N ASP A 555 -19.51 19.16 -21.36
CA ASP A 555 -18.30 19.05 -22.16
C ASP A 555 -17.73 17.63 -22.15
N PHE A 556 -17.16 17.21 -23.28
CA PHE A 556 -16.57 15.87 -23.40
C PHE A 556 -15.28 15.90 -24.24
N MET A 557 -14.42 14.89 -24.08
CA MET A 557 -13.11 14.93 -24.73
C MET A 557 -12.72 13.66 -25.50
N GLU A 558 -13.18 13.54 -26.74
CA GLU A 558 -13.01 12.33 -27.55
C GLU A 558 -11.59 11.77 -27.63
N THR A 559 -11.42 10.50 -27.27
CA THR A 559 -10.10 9.89 -27.13
C THR A 559 -9.81 8.88 -28.24
N GLU A 560 -8.88 9.22 -29.13
CA GLU A 560 -8.53 8.36 -30.28
C GLU A 560 -8.21 6.94 -29.84
N LYS A 574 20.70 -1.64 -26.41
CA LYS A 574 21.61 -2.75 -26.15
C LYS A 574 22.44 -2.53 -24.89
N VAL A 575 22.66 -3.61 -24.15
CA VAL A 575 23.55 -3.63 -22.99
C VAL A 575 25.05 -3.53 -23.35
N SER A 576 25.82 -2.88 -22.47
CA SER A 576 27.26 -2.75 -22.64
C SER A 576 27.98 -3.70 -21.67
N GLN A 577 29.25 -3.98 -21.94
CA GLN A 577 29.97 -5.01 -21.18
C GLN A 577 30.12 -4.81 -19.67
N ARG A 578 30.35 -3.59 -19.20
CA ARG A 578 30.45 -3.41 -17.75
C ARG A 578 29.06 -3.57 -17.12
N GLU A 579 28.08 -2.98 -17.79
CA GLU A 579 26.68 -3.04 -17.37
C GLU A 579 26.17 -4.47 -17.37
N GLU A 580 26.80 -5.32 -18.18
CA GLU A 580 26.44 -6.73 -18.28
C GLU A 580 26.99 -7.52 -17.09
N MET A 581 28.06 -7.00 -16.49
CA MET A 581 28.72 -7.70 -15.40
C MET A 581 28.03 -7.43 -14.05
N VAL A 582 27.45 -6.24 -13.92
CA VAL A 582 26.74 -5.89 -12.68
C VAL A 582 25.47 -6.72 -12.56
N LYS A 583 24.85 -7.01 -13.71
CA LYS A 583 23.68 -7.89 -13.78
C LYS A 583 24.06 -9.28 -13.27
N LYS A 584 25.14 -9.81 -13.83
CA LYS A 584 25.63 -11.13 -13.48
C LYS A 584 26.02 -11.20 -12.01
N CYS A 585 26.70 -10.15 -11.54
CA CYS A 585 27.10 -10.04 -10.13
C CYS A 585 25.90 -10.01 -9.20
N LEU A 586 24.97 -9.11 -9.49
CA LEU A 586 23.73 -8.97 -8.71
C LEU A 586 22.95 -10.28 -8.62
N GLY A 587 22.93 -11.04 -9.72
CA GLY A 587 22.30 -12.34 -9.76
C GLY A 587 22.78 -13.31 -8.69
N GLU A 588 24.10 -13.47 -8.60
CA GLU A 588 24.72 -14.36 -7.62
C GLU A 588 24.49 -13.87 -6.19
N LEU A 589 24.64 -12.57 -5.97
CA LEU A 589 24.41 -11.94 -4.67
C LEU A 589 23.03 -12.23 -4.07
N THR A 590 22.00 -12.28 -4.91
CA THR A 590 20.65 -12.56 -4.45
C THR A 590 20.53 -13.98 -3.88
N GLU A 591 21.12 -14.95 -4.58
CA GLU A 591 21.08 -16.36 -4.15
C GLU A 591 21.85 -16.55 -2.85
N VAL A 592 22.97 -15.83 -2.73
CA VAL A 592 23.79 -15.84 -1.53
C VAL A 592 22.96 -15.38 -0.32
N CYS A 593 22.11 -14.38 -0.52
CA CYS A 593 21.20 -13.89 0.52
C CYS A 593 20.17 -14.95 0.86
N LYS A 594 19.70 -15.64 -0.18
CA LYS A 594 18.73 -16.71 -0.04
C LYS A 594 19.30 -17.85 0.80
N SER A 595 20.55 -18.20 0.52
CA SER A 595 21.25 -19.26 1.25
C SER A 595 21.53 -18.82 2.69
N LEU A 596 22.12 -17.63 2.85
CA LEU A 596 22.39 -17.05 4.16
C LEU A 596 21.12 -17.03 4.98
N GLY A 597 19.99 -16.82 4.29
CA GLY A 597 18.69 -16.79 4.93
C GLY A 597 18.34 -18.09 5.63
N LYS A 598 18.39 -19.20 4.91
CA LYS A 598 18.07 -20.49 5.51
C LYS A 598 19.03 -20.84 6.65
N VAL A 599 20.31 -20.51 6.46
CA VAL A 599 21.31 -20.72 7.51
C VAL A 599 20.99 -19.96 8.80
N PHE A 600 20.95 -18.63 8.69
CA PHE A 600 20.68 -17.76 9.83
C PHE A 600 19.23 -17.77 10.30
N GLY A 601 18.37 -18.49 9.59
CA GLY A 601 16.98 -18.66 10.00
C GLY A 601 16.19 -17.39 9.83
N VAL A 602 16.34 -16.76 8.66
CA VAL A 602 15.81 -15.41 8.46
C VAL A 602 15.41 -15.19 6.99
N HIS A 603 14.39 -14.35 6.79
CA HIS A 603 13.92 -14.00 5.45
C HIS A 603 15.07 -13.41 4.63
N TYR A 604 15.11 -13.72 3.34
CA TYR A 604 16.24 -13.35 2.50
C TYR A 604 16.46 -11.85 2.41
N PHE A 605 15.41 -11.06 2.65
CA PHE A 605 15.51 -9.62 2.52
C PHE A 605 15.89 -8.92 3.83
N ASN A 606 15.88 -9.67 4.92
CA ASN A 606 16.39 -9.17 6.17
C ASN A 606 17.87 -9.43 6.32
N ILE A 607 18.49 -9.87 5.23
CA ILE A 607 19.94 -9.97 5.15
C ILE A 607 20.41 -8.67 4.53
N PHE A 608 20.17 -8.54 3.24
CA PHE A 608 20.37 -7.28 2.53
C PHE A 608 19.12 -6.95 1.74
N ASN A 609 18.60 -5.74 1.92
CA ASN A 609 17.42 -5.31 1.18
C ASN A 609 17.82 -5.09 -0.28
N THR A 610 16.83 -4.85 -1.13
CA THR A 610 17.06 -4.82 -2.57
C THR A 610 18.01 -3.69 -2.96
N VAL A 611 17.88 -2.55 -2.28
CA VAL A 611 18.69 -1.37 -2.58
C VAL A 611 20.14 -1.62 -2.17
N THR A 612 20.34 -2.23 -1.01
CA THR A 612 21.67 -2.60 -0.54
C THR A 612 22.39 -3.45 -1.59
N LEU A 613 21.70 -4.51 -2.04
CA LEU A 613 22.22 -5.41 -3.07
C LEU A 613 22.57 -4.70 -4.36
N LYS A 614 21.64 -3.89 -4.86
CA LYS A 614 21.83 -3.15 -6.11
C LYS A 614 23.05 -2.23 -6.11
N LYS A 615 23.39 -1.66 -4.95
CA LYS A 615 24.51 -0.73 -4.85
C LYS A 615 25.83 -1.48 -4.69
N LEU A 616 25.80 -2.58 -3.95
CA LEU A 616 26.92 -3.51 -3.87
C LEU A 616 27.43 -4.01 -5.21
N ALA A 617 26.49 -4.53 -6.02
CA ALA A 617 26.81 -5.07 -7.33
C ALA A 617 27.40 -4.03 -8.29
N GLU A 618 26.95 -2.79 -8.18
CA GLU A 618 27.39 -1.74 -9.09
C GLU A 618 28.81 -1.24 -8.80
N SER A 619 29.32 -1.51 -7.59
CA SER A 619 30.69 -1.17 -7.25
C SER A 619 31.68 -2.24 -7.69
N LEU A 620 31.27 -3.50 -7.58
CA LEU A 620 32.12 -4.65 -7.87
C LEU A 620 33.39 -4.66 -7.01
N SER A 621 33.39 -3.86 -5.95
CA SER A 621 34.57 -3.72 -5.09
C SER A 621 34.52 -4.73 -3.94
N SER A 622 35.69 -5.14 -3.46
CA SER A 622 35.79 -5.96 -2.27
C SER A 622 36.38 -5.17 -1.11
N ASP A 623 36.81 -3.95 -1.40
CA ASP A 623 37.37 -3.06 -0.38
C ASP A 623 36.31 -2.60 0.61
N PRO A 624 36.39 -3.09 1.86
CA PRO A 624 35.39 -2.79 2.90
C PRO A 624 35.32 -1.29 3.21
N GLU A 625 36.39 -0.57 2.92
CA GLU A 625 36.43 0.87 3.13
C GLU A 625 35.52 1.62 2.14
N VAL A 626 35.14 0.94 1.08
CA VAL A 626 34.26 1.52 0.07
C VAL A 626 32.85 0.98 0.27
N LEU A 627 32.77 -0.25 0.76
CA LEU A 627 31.50 -0.92 0.99
C LEU A 627 30.72 -0.31 2.15
N LEU A 628 31.40 0.00 3.25
CA LEU A 628 30.75 0.60 4.42
C LEU A 628 30.18 1.99 4.15
N GLN A 629 30.56 2.56 3.01
CA GLN A 629 30.07 3.87 2.59
C GLN A 629 28.77 3.73 1.78
N ILE A 630 28.20 2.52 1.80
CA ILE A 630 26.97 2.19 1.08
C ILE A 630 25.82 1.90 2.04
N ASP A 631 24.63 2.41 1.72
CA ASP A 631 23.45 2.25 2.58
C ASP A 631 23.10 0.80 2.92
N GLY A 632 23.14 0.47 4.20
CA GLY A 632 22.76 -0.85 4.67
C GLY A 632 23.97 -1.67 5.08
N VAL A 633 25.15 -1.23 4.67
CA VAL A 633 26.39 -1.90 5.04
C VAL A 633 26.93 -1.39 6.38
N THR A 634 26.92 -2.26 7.39
CA THR A 634 27.35 -1.92 8.73
C THR A 634 28.53 -2.80 9.14
N GLU A 635 29.21 -2.43 10.22
CA GLU A 635 30.38 -3.17 10.67
C GLU A 635 30.00 -4.60 11.00
N ASP A 636 28.91 -4.75 11.75
CA ASP A 636 28.39 -6.06 12.15
C ASP A 636 27.92 -6.93 10.97
N LYS A 637 27.14 -6.34 10.06
CA LYS A 637 26.60 -7.10 8.93
C LYS A 637 27.67 -7.53 7.94
N LEU A 638 28.68 -6.68 7.76
CA LEU A 638 29.78 -6.97 6.87
C LEU A 638 30.78 -7.93 7.54
N GLU A 639 30.55 -8.20 8.82
CA GLU A 639 31.39 -9.13 9.58
C GLU A 639 30.84 -10.55 9.59
N LYS A 640 29.54 -10.70 9.75
CA LYS A 640 28.94 -12.03 9.83
C LYS A 640 28.33 -12.51 8.51
N TYR A 641 28.26 -11.61 7.53
CA TYR A 641 27.78 -11.98 6.20
C TYR A 641 28.82 -11.65 5.13
N GLY A 642 29.96 -11.12 5.58
CA GLY A 642 30.94 -10.55 4.67
C GLY A 642 31.67 -11.57 3.83
N ALA A 643 32.22 -12.58 4.49
CA ALA A 643 33.09 -13.58 3.84
C ALA A 643 32.46 -14.18 2.58
N GLU A 644 31.19 -14.57 2.67
CA GLU A 644 30.49 -15.18 1.54
C GLU A 644 30.30 -14.17 0.41
N VAL A 645 29.95 -12.94 0.77
CA VAL A 645 29.69 -11.87 -0.18
C VAL A 645 30.95 -11.36 -0.88
N ILE A 646 32.01 -11.14 -0.11
CA ILE A 646 33.27 -10.64 -0.65
C ILE A 646 33.92 -11.63 -1.62
N SER A 647 33.75 -12.93 -1.35
CA SER A 647 34.27 -13.96 -2.25
C SER A 647 33.71 -13.74 -3.65
N VAL A 648 32.40 -13.60 -3.74
CA VAL A 648 31.72 -13.38 -5.02
C VAL A 648 32.19 -12.08 -5.68
N LEU A 649 32.45 -11.05 -4.88
CA LEU A 649 32.80 -9.73 -5.40
C LEU A 649 34.24 -9.68 -5.86
N GLN A 650 35.04 -10.63 -5.37
CA GLN A 650 36.45 -10.73 -5.74
C GLN A 650 36.63 -11.13 -7.19
N LYS A 651 35.68 -11.91 -7.71
CA LYS A 651 35.76 -12.44 -9.06
C LYS A 651 35.75 -11.32 -10.11
N TYR A 652 35.13 -10.19 -9.77
CA TYR A 652 34.98 -9.08 -10.70
C TYR A 652 35.94 -7.92 -10.43
N SER A 653 37.00 -8.19 -9.67
CA SER A 653 37.97 -7.17 -9.26
C SER A 653 38.58 -6.41 -10.44
N GLU A 654 38.68 -7.09 -11.57
CA GLU A 654 39.28 -6.56 -12.79
C GLU A 654 38.27 -5.80 -13.66
N TRP A 655 37.24 -5.23 -13.03
CA TRP A 655 36.21 -4.52 -13.80
C TRP A 655 35.83 -3.17 -13.20
N THR A 656 36.50 -2.79 -12.11
CA THR A 656 36.07 -1.63 -11.35
C THR A 656 36.63 -0.37 -12.01
N SER A 657 36.27 -0.15 -13.27
CA SER A 657 36.69 1.04 -14.02
C SER A 657 35.50 1.90 -14.45
#